data_5FR2
#
_entry.id   5FR2
#
_cell.length_a   176.979
_cell.length_b   176.979
_cell.length_c   63.896
_cell.angle_alpha   90.00
_cell.angle_beta   90.00
_cell.angle_gamma   120.00
#
_symmetry.space_group_name_H-M   'P 62'
#
loop_
_entity.id
_entity.type
_entity.pdbx_description
1 polymer 'TRANSFORMING PROTEIN RHOA'
2 polymer 'RHO GDP-DISSOCIATION INHIBITOR 1'
3 non-polymer FARNESYL
4 non-polymer "GUANOSINE-5'-DIPHOSPHATE"
5 non-polymer 'MAGNESIUM ION'
6 non-polymer beta-D-glucopyranose
7 water water
#
loop_
_entity_poly.entity_id
_entity_poly.type
_entity_poly.pdbx_seq_one_letter_code
_entity_poly.pdbx_strand_id
1 'polypeptide(L)'
;GSMAAIRKKLVIVGDGACGKTCLLIVFSKDQFPEVYVPTVFENYVADIEVDGKQVELALWDTAGQEDYDRLRPLSYPDTD
VILMCFSIDSPDSLENIPEKWTPEVKHFCPNVPIILVGNKKDLRNDEHTRRELAKMKQEPVKPEEGRDMANRIGAFGYME
CSAKTKDGVREVFEMATRAALQARRGKKKSGCLVL
;
A
2 'polypeptide(L)'
;HMAHHHHHHMAEQEPTAEQLAQIAAENEEDEHSVNYKPPAQKSIQEIQELDKDDESLRKYKEALLGRVAVSADPNVPNVV
VTRLTLVCSTAPGPLELDLTGDLESFKKQSFVLKEGVEYRIKISFRVNREIVSGMKYIQHTYRKGVKIDKTDYMVGSYGP
RAEEYEFLTPMEEAPKGMLARGSYNI(ALY)SRFTDDDRTDHLSWEWNLTIKKEWKD
;
B
#
# COMPACT_ATOMS: atom_id res chain seq x y z
N MET A 3 13.83 9.27 23.39
CA MET A 3 13.53 10.18 22.28
C MET A 3 14.37 9.86 21.05
N ALA A 4 13.82 9.03 20.16
CA ALA A 4 14.47 8.70 18.90
C ALA A 4 13.59 9.08 17.72
N ALA A 5 14.21 9.45 16.61
CA ALA A 5 13.49 9.94 15.43
C ALA A 5 12.48 8.92 14.91
N ILE A 6 11.29 9.42 14.57
CA ILE A 6 10.23 8.57 14.03
C ILE A 6 10.44 8.32 12.55
N ARG A 7 10.30 7.08 12.11
CA ARG A 7 10.45 6.74 10.71
C ARG A 7 9.09 6.49 10.06
N LYS A 8 8.79 7.29 9.03
CA LYS A 8 7.52 7.17 8.31
C LYS A 8 7.78 7.03 6.83
N LYS A 9 6.93 6.25 6.15
CA LYS A 9 7.10 5.98 4.72
C LYS A 9 6.13 6.77 3.87
N LEU A 10 6.68 7.51 2.91
CA LEU A 10 5.86 8.32 2.01
C LEU A 10 6.02 7.84 0.58
N VAL A 11 4.90 7.46 -0.04
CA VAL A 11 4.91 7.07 -1.45
C VAL A 11 4.13 8.11 -2.26
N ILE A 12 4.67 8.48 -3.42
CA ILE A 12 4.01 9.48 -4.26
C ILE A 12 3.56 8.86 -5.59
N VAL A 13 2.27 8.96 -5.86
CA VAL A 13 1.70 8.42 -7.09
C VAL A 13 0.94 9.48 -7.87
N GLY A 14 0.64 9.18 -9.13
CA GLY A 14 -0.06 10.12 -9.99
C GLY A 14 0.35 9.93 -11.44
N ASP A 15 -0.38 10.56 -12.35
CA ASP A 15 -0.12 10.46 -13.78
C ASP A 15 1.33 10.76 -14.15
N GLY A 16 1.78 10.16 -15.25
CA GLY A 16 3.13 10.41 -15.74
C GLY A 16 3.32 11.85 -16.17
N ALA A 17 4.52 12.38 -15.90
CA ALA A 17 4.87 13.76 -16.22
C ALA A 17 3.93 14.79 -15.59
N CYS A 18 3.32 14.43 -14.47
CA CYS A 18 2.44 15.34 -13.75
C CYS A 18 3.22 16.14 -12.71
N GLY A 19 4.49 15.78 -12.52
CA GLY A 19 5.36 16.53 -11.64
C GLY A 19 5.75 15.86 -10.33
N LYS A 20 5.67 14.54 -10.30
CA LYS A 20 5.99 13.79 -9.08
C LYS A 20 7.46 13.90 -8.70
N THR A 21 8.33 13.44 -9.60
CA THR A 21 9.76 13.36 -9.33
C THR A 21 10.37 14.70 -8.95
N CYS A 22 9.97 15.77 -9.65
CA CYS A 22 10.49 17.10 -9.36
C CYS A 22 10.08 17.57 -7.98
N LEU A 23 8.85 17.26 -7.58
CA LEU A 23 8.36 17.60 -6.26
C LEU A 23 9.22 16.96 -5.18
N LEU A 24 9.57 15.69 -5.38
CA LEU A 24 10.40 14.96 -4.44
C LEU A 24 11.81 15.55 -4.36
N ILE A 25 12.40 15.83 -5.51
CA ILE A 25 13.76 16.36 -5.57
C ILE A 25 13.85 17.73 -4.89
N VAL A 26 12.87 18.58 -5.17
CA VAL A 26 12.84 19.91 -4.56
C VAL A 26 12.80 19.85 -3.04
N PHE A 27 11.85 19.09 -2.50
CA PHE A 27 11.72 18.96 -1.05
C PHE A 27 12.96 18.34 -0.43
N SER A 28 13.57 17.40 -1.14
CA SER A 28 14.73 16.68 -0.65
C SER A 28 15.99 17.54 -0.64
N LYS A 29 16.23 18.25 -1.75
CA LYS A 29 17.52 18.90 -1.97
C LYS A 29 17.44 20.42 -2.05
N ASP A 30 16.24 20.97 -1.86
CA ASP A 30 16.02 22.42 -1.90
C ASP A 30 16.51 23.05 -3.20
N GLN A 31 16.31 22.33 -4.30
CA GLN A 31 16.67 22.83 -5.63
C GLN A 31 15.92 22.11 -6.74
N PHE A 32 15.23 22.88 -7.58
CA PHE A 32 14.53 22.33 -8.73
C PHE A 32 15.54 21.94 -9.80
N PRO A 33 15.49 20.67 -10.25
CA PRO A 33 16.38 20.13 -11.29
C PRO A 33 16.04 20.63 -12.69
N GLU A 34 16.82 21.59 -13.19
CA GLU A 34 16.56 22.17 -14.51
C GLU A 34 17.37 21.47 -15.59
N VAL A 35 18.44 20.78 -15.19
CA VAL A 35 19.34 20.13 -16.14
C VAL A 35 18.85 18.73 -16.50
N TYR A 36 18.71 17.87 -15.49
CA TYR A 36 18.32 16.49 -15.71
C TYR A 36 17.32 16.00 -14.67
N VAL A 37 16.23 15.39 -15.14
CA VAL A 37 15.22 14.83 -14.26
C VAL A 37 15.06 13.32 -14.48
N PRO A 38 15.34 12.53 -13.43
CA PRO A 38 15.14 11.08 -13.52
C PRO A 38 13.67 10.74 -13.74
N THR A 39 13.40 9.59 -14.34
CA THR A 39 12.02 9.12 -14.45
C THR A 39 11.52 8.79 -13.06
N VAL A 40 12.39 8.13 -12.29
CA VAL A 40 12.12 7.81 -10.89
C VAL A 40 13.30 8.24 -10.02
N PHE A 41 12.99 8.82 -8.87
CA PHE A 41 13.99 9.35 -7.96
C PHE A 41 14.38 8.32 -6.90
N GLU A 42 15.68 8.15 -6.68
CA GLU A 42 16.19 7.20 -5.69
C GLU A 42 15.60 7.48 -4.30
N ASN A 43 15.46 6.42 -3.50
CA ASN A 43 14.89 6.55 -2.16
C ASN A 43 15.68 7.49 -1.28
N TYR A 44 15.10 8.65 -1.00
CA TYR A 44 15.75 9.64 -0.17
C TYR A 44 15.06 9.72 1.18
N VAL A 45 15.85 9.75 2.25
CA VAL A 45 15.31 9.93 3.59
C VAL A 45 15.54 11.37 4.04
N ALA A 46 14.45 12.10 4.25
CA ALA A 46 14.52 13.51 4.58
C ALA A 46 14.15 13.78 6.03
N ASP A 47 15.06 14.41 6.77
CA ASP A 47 14.76 14.88 8.11
C ASP A 47 13.69 15.97 8.03
N ILE A 48 12.70 15.89 8.92
CA ILE A 48 11.61 16.86 8.94
C ILE A 48 10.98 16.91 10.33
N GLU A 49 10.73 18.12 10.82
CA GLU A 49 10.16 18.28 12.16
C GLU A 49 8.80 18.95 12.08
N VAL A 50 7.79 18.30 12.65
CA VAL A 50 6.43 18.82 12.62
C VAL A 50 5.74 18.64 13.96
N ASP A 51 5.16 19.73 14.48
CA ASP A 51 4.46 19.71 15.77
C ASP A 51 5.34 19.18 16.89
N GLY A 52 6.59 19.64 16.92
CA GLY A 52 7.52 19.25 17.95
C GLY A 52 7.97 17.81 17.84
N LYS A 53 7.73 17.20 16.69
CA LYS A 53 8.10 15.79 16.47
C LYS A 53 9.14 15.64 15.37
N GLN A 54 10.30 15.11 15.75
CA GLN A 54 11.36 14.79 14.79
C GLN A 54 10.94 13.57 13.96
N VAL A 55 11.01 13.69 12.64
CA VAL A 55 10.57 12.63 11.74
C VAL A 55 11.56 12.38 10.61
N GLU A 56 11.91 11.11 10.41
CA GLU A 56 12.68 10.71 9.24
C GLU A 56 11.74 10.22 8.15
N LEU A 57 11.64 10.99 7.07
CA LEU A 57 10.65 10.74 6.03
C LEU A 57 11.25 10.02 4.82
N ALA A 58 10.92 8.76 4.67
CA ALA A 58 11.42 7.95 3.56
C ALA A 58 10.61 8.20 2.29
N LEU A 59 11.25 8.79 1.29
CA LEU A 59 10.56 9.20 0.08
C LEU A 59 10.63 8.15 -1.03
N TRP A 60 9.47 7.69 -1.46
CA TRP A 60 9.37 6.65 -2.48
C TRP A 60 8.70 7.15 -3.76
N ASP A 61 9.49 7.30 -4.82
CA ASP A 61 8.94 7.71 -6.11
C ASP A 61 8.40 6.50 -6.86
N THR A 62 7.44 6.73 -7.76
CA THR A 62 6.86 5.64 -8.53
C THR A 62 6.91 5.92 -10.02
N ALA A 63 6.63 4.88 -10.81
CA ALA A 63 6.52 5.01 -12.25
C ALA A 63 5.05 4.93 -12.64
N GLY A 64 4.47 6.08 -12.99
CA GLY A 64 3.04 6.15 -13.23
C GLY A 64 2.56 5.59 -14.56
N GLN A 65 3.49 5.06 -15.35
CA GLN A 65 3.15 4.46 -16.64
C GLN A 65 2.26 3.24 -16.47
N GLU A 66 1.42 2.98 -17.48
CA GLU A 66 0.58 1.78 -17.50
C GLU A 66 1.44 0.53 -17.67
N ASP A 67 2.63 0.71 -18.26
CA ASP A 67 3.56 -0.39 -18.48
C ASP A 67 4.08 -0.98 -17.18
N TYR A 68 3.90 -0.25 -16.07
CA TYR A 68 4.38 -0.73 -14.78
C TYR A 68 3.24 -0.87 -13.78
N ASP A 69 2.03 -1.13 -14.26
CA ASP A 69 0.87 -1.29 -13.40
C ASP A 69 1.00 -2.50 -12.48
N ARG A 70 1.95 -3.37 -12.78
CA ARG A 70 2.17 -4.58 -12.00
C ARG A 70 3.38 -4.43 -11.08
N LEU A 71 4.38 -3.67 -11.54
CA LEU A 71 5.61 -3.47 -10.78
C LEU A 71 5.45 -2.40 -9.71
N ARG A 72 4.85 -1.29 -10.10
CA ARG A 72 4.64 -0.15 -9.20
C ARG A 72 4.04 -0.51 -7.83
N PRO A 73 3.06 -1.45 -7.79
CA PRO A 73 2.50 -1.75 -6.46
C PRO A 73 3.47 -2.39 -5.46
N LEU A 74 4.65 -2.80 -5.89
CA LEU A 74 5.61 -3.43 -4.98
C LEU A 74 6.09 -2.44 -3.90
N SER A 75 5.99 -1.15 -4.18
CA SER A 75 6.44 -0.12 -3.24
C SER A 75 5.41 0.15 -2.14
N TYR A 76 4.18 -0.30 -2.35
CA TYR A 76 3.05 0.06 -1.50
C TYR A 76 3.06 -0.43 -0.03
N PRO A 77 3.54 -1.67 0.23
CA PRO A 77 3.52 -2.12 1.63
C PRO A 77 4.32 -1.24 2.58
N ASP A 78 3.86 -1.15 3.82
CA ASP A 78 4.47 -0.35 4.89
C ASP A 78 4.37 1.15 4.65
N THR A 79 3.51 1.57 3.74
CA THR A 79 3.30 2.99 3.48
C THR A 79 2.51 3.61 4.63
N ASP A 80 2.93 4.79 5.07
CA ASP A 80 2.27 5.49 6.18
C ASP A 80 1.45 6.68 5.70
N VAL A 81 1.86 7.26 4.57
CA VAL A 81 1.14 8.38 3.96
C VAL A 81 1.44 8.43 2.47
N ILE A 82 0.45 8.79 1.67
CA ILE A 82 0.62 8.75 0.23
C ILE A 82 0.25 10.09 -0.42
N LEU A 83 1.06 10.50 -1.38
CA LEU A 83 0.84 11.75 -2.10
C LEU A 83 0.24 11.49 -3.46
N MET A 84 -1.09 11.57 -3.56
CA MET A 84 -1.77 11.40 -4.84
C MET A 84 -1.72 12.71 -5.59
N CYS A 85 -1.08 12.71 -6.76
CA CYS A 85 -0.82 13.94 -7.49
C CYS A 85 -1.59 14.08 -8.79
N PHE A 86 -1.94 15.32 -9.12
CA PHE A 86 -2.39 15.68 -10.46
C PHE A 86 -1.75 17.02 -10.81
N SER A 87 -1.91 17.44 -12.05
CA SER A 87 -1.35 18.71 -12.49
C SER A 87 -2.45 19.72 -12.74
N ILE A 88 -2.24 20.94 -12.27
CA ILE A 88 -3.21 22.02 -12.44
C ILE A 88 -3.42 22.34 -13.92
N ASP A 89 -2.35 22.21 -14.71
CA ASP A 89 -2.41 22.55 -16.13
C ASP A 89 -2.97 21.40 -16.97
N SER A 90 -3.28 20.27 -16.34
CA SER A 90 -3.84 19.14 -17.04
C SER A 90 -5.08 18.62 -16.32
N PRO A 91 -6.27 19.04 -16.78
CA PRO A 91 -7.55 18.57 -16.23
C PRO A 91 -7.74 17.07 -16.50
N ASP A 92 -7.04 16.55 -17.49
CA ASP A 92 -7.08 15.13 -17.80
C ASP A 92 -6.41 14.33 -16.68
N SER A 93 -5.36 14.88 -16.10
CA SER A 93 -4.66 14.22 -15.00
C SER A 93 -5.52 14.15 -13.76
N LEU A 94 -6.34 15.18 -13.57
CA LEU A 94 -7.27 15.24 -12.44
C LEU A 94 -8.34 14.17 -12.57
N GLU A 95 -8.76 13.93 -13.81
CA GLU A 95 -9.78 12.93 -14.12
C GLU A 95 -9.33 11.51 -13.73
N ASN A 96 -8.02 11.30 -13.68
CA ASN A 96 -7.47 9.99 -13.35
C ASN A 96 -7.41 9.73 -11.85
N ILE A 97 -7.59 10.79 -11.07
CA ILE A 97 -7.58 10.65 -9.61
C ILE A 97 -8.68 9.71 -9.13
N PRO A 98 -9.95 9.94 -9.53
CA PRO A 98 -10.95 8.97 -9.06
C PRO A 98 -11.03 7.73 -9.96
N GLU A 99 -10.46 7.82 -11.16
CA GLU A 99 -10.61 6.78 -12.16
C GLU A 99 -9.53 5.71 -12.07
N LYS A 100 -8.30 6.13 -11.79
CA LYS A 100 -7.17 5.19 -11.81
C LYS A 100 -6.41 5.12 -10.49
N TRP A 101 -6.14 6.26 -9.88
CA TRP A 101 -5.22 6.31 -8.74
C TRP A 101 -5.88 6.01 -7.40
N THR A 102 -7.02 6.65 -7.12
CA THR A 102 -7.79 6.33 -5.92
C THR A 102 -8.16 4.83 -5.88
N PRO A 103 -8.63 4.24 -7.00
CA PRO A 103 -8.89 2.80 -6.98
C PRO A 103 -7.67 1.95 -6.63
N GLU A 104 -6.50 2.32 -7.13
CA GLU A 104 -5.27 1.57 -6.89
C GLU A 104 -4.80 1.72 -5.46
N VAL A 105 -4.75 2.97 -4.99
CA VAL A 105 -4.25 3.25 -3.65
C VAL A 105 -5.13 2.61 -2.59
N LYS A 106 -6.44 2.77 -2.72
CA LYS A 106 -7.37 2.21 -1.75
C LYS A 106 -7.34 0.69 -1.78
N HIS A 107 -6.97 0.13 -2.93
CA HIS A 107 -6.84 -1.32 -3.07
C HIS A 107 -5.62 -1.85 -2.33
N PHE A 108 -4.46 -1.27 -2.64
CA PHE A 108 -3.19 -1.74 -2.07
C PHE A 108 -2.92 -1.15 -0.69
N CYS A 109 -3.40 0.07 -0.45
CA CYS A 109 -3.21 0.73 0.84
C CYS A 109 -4.55 1.11 1.46
N PRO A 110 -5.23 0.13 2.06
CA PRO A 110 -6.61 0.23 2.56
C PRO A 110 -6.85 1.40 3.51
N ASN A 111 -5.94 1.62 4.45
CA ASN A 111 -6.19 2.63 5.48
C ASN A 111 -5.14 3.74 5.51
N VAL A 112 -4.22 3.73 4.54
CA VAL A 112 -3.19 4.76 4.48
C VAL A 112 -3.80 6.09 4.08
N PRO A 113 -3.56 7.14 4.89
CA PRO A 113 -4.11 8.47 4.64
C PRO A 113 -3.62 9.07 3.32
N ILE A 114 -4.53 9.68 2.57
CA ILE A 114 -4.21 10.23 1.27
C ILE A 114 -4.13 11.75 1.30
N ILE A 115 -3.06 12.30 0.72
CA ILE A 115 -2.97 13.74 0.49
C ILE A 115 -3.08 14.01 -1.00
N LEU A 116 -4.12 14.71 -1.41
CA LEU A 116 -4.31 15.05 -2.83
C LEU A 116 -3.55 16.33 -3.16
N VAL A 117 -2.57 16.20 -4.04
CA VAL A 117 -1.68 17.30 -4.35
C VAL A 117 -1.90 17.83 -5.78
N GLY A 118 -1.97 19.14 -5.92
CA GLY A 118 -2.07 19.78 -7.21
C GLY A 118 -0.76 20.44 -7.59
N ASN A 119 -0.03 19.81 -8.51
CA ASN A 119 1.29 20.28 -8.91
C ASN A 119 1.24 21.35 -10.00
N LYS A 120 2.37 22.05 -10.18
CA LYS A 120 2.53 23.04 -11.23
C LYS A 120 1.50 24.16 -11.16
N LYS A 121 1.18 24.61 -9.95
CA LYS A 121 0.15 25.62 -9.78
C LYS A 121 0.61 26.99 -10.28
N ASP A 122 1.88 27.07 -10.68
CA ASP A 122 2.42 28.29 -11.28
C ASP A 122 1.89 28.45 -12.70
N LEU A 123 1.38 27.36 -13.27
CA LEU A 123 0.87 27.38 -14.64
C LEU A 123 -0.62 27.70 -14.70
N ARG A 124 -1.22 27.95 -13.53
CA ARG A 124 -2.65 28.27 -13.48
C ARG A 124 -2.94 29.58 -14.19
N ASN A 125 -2.16 30.61 -13.87
CA ASN A 125 -2.33 31.91 -14.50
C ASN A 125 -1.30 32.17 -15.58
N ASP A 126 -0.74 31.09 -16.11
CA ASP A 126 0.19 31.19 -17.23
C ASP A 126 -0.59 31.28 -18.53
N GLU A 127 -0.27 32.28 -19.35
CA GLU A 127 -1.04 32.57 -20.55
C GLU A 127 -0.81 31.53 -21.66
N HIS A 128 0.42 31.05 -21.77
CA HIS A 128 0.74 30.04 -22.78
C HIS A 128 -0.05 28.77 -22.54
N THR A 129 -0.08 28.34 -21.28
CA THR A 129 -0.82 27.15 -20.88
C THR A 129 -2.32 27.29 -21.18
N ARG A 130 -2.89 28.42 -20.79
CA ARG A 130 -4.31 28.69 -21.02
C ARG A 130 -4.63 28.71 -22.51
N ARG A 131 -3.72 29.27 -23.30
CA ARG A 131 -3.90 29.37 -24.74
C ARG A 131 -3.96 27.98 -25.37
N GLU A 132 -3.07 27.10 -24.92
CA GLU A 132 -3.01 25.73 -25.44
C GLU A 132 -4.23 24.92 -24.99
N LEU A 133 -4.63 25.11 -23.73
CA LEU A 133 -5.77 24.38 -23.16
C LEU A 133 -7.09 24.82 -23.74
N ALA A 134 -7.15 26.06 -24.23
CA ALA A 134 -8.36 26.63 -24.80
C ALA A 134 -8.83 25.86 -26.04
N LYS A 135 -7.88 25.24 -26.73
CA LYS A 135 -8.15 24.52 -27.97
C LYS A 135 -8.84 23.18 -27.71
N MET A 136 -8.92 22.78 -26.45
CA MET A 136 -9.58 21.54 -26.06
C MET A 136 -10.84 21.83 -25.25
N LYS A 137 -11.31 23.08 -25.36
CA LYS A 137 -12.40 23.58 -24.52
C LYS A 137 -12.07 23.38 -23.05
N GLN A 138 -10.78 23.41 -22.73
CA GLN A 138 -10.29 23.15 -21.39
C GLN A 138 -9.64 24.38 -20.79
N GLU A 139 -9.49 24.35 -19.46
CA GLU A 139 -8.85 25.43 -18.72
C GLU A 139 -8.13 24.80 -17.54
N PRO A 140 -7.19 25.53 -16.93
CA PRO A 140 -6.53 25.04 -15.71
C PRO A 140 -7.52 24.66 -14.61
N VAL A 141 -7.13 23.72 -13.77
CA VAL A 141 -7.97 23.28 -12.66
C VAL A 141 -8.13 24.38 -11.62
N LYS A 142 -9.36 24.62 -11.18
CA LYS A 142 -9.62 25.59 -10.11
C LYS A 142 -9.41 24.92 -8.75
N PRO A 143 -9.01 25.71 -7.73
CA PRO A 143 -8.79 25.17 -6.39
C PRO A 143 -10.03 24.51 -5.82
N GLU A 144 -11.19 25.03 -6.20
CA GLU A 144 -12.46 24.44 -5.80
C GLU A 144 -12.59 23.03 -6.37
N GLU A 145 -12.24 22.88 -7.64
CA GLU A 145 -12.31 21.59 -8.33
C GLU A 145 -11.42 20.56 -7.64
N GLY A 146 -10.22 20.98 -7.24
CA GLY A 146 -9.30 20.11 -6.55
C GLY A 146 -9.81 19.73 -5.17
N ARG A 147 -10.26 20.74 -4.42
CA ARG A 147 -10.77 20.51 -3.08
C ARG A 147 -11.99 19.60 -3.08
N ASP A 148 -12.85 19.77 -4.09
CA ASP A 148 -14.03 18.91 -4.25
C ASP A 148 -13.62 17.45 -4.41
N MET A 149 -12.69 17.21 -5.33
CA MET A 149 -12.21 15.86 -5.61
C MET A 149 -11.59 15.22 -4.38
N ALA A 150 -10.94 16.03 -3.55
CA ALA A 150 -10.25 15.53 -2.37
C ALA A 150 -11.22 14.94 -1.36
N ASN A 151 -12.34 15.63 -1.15
CA ASN A 151 -13.37 15.15 -0.23
C ASN A 151 -14.12 13.97 -0.83
N ARG A 152 -14.17 13.94 -2.16
CA ARG A 152 -14.84 12.87 -2.89
C ARG A 152 -14.10 11.55 -2.74
N ILE A 153 -12.78 11.61 -2.81
CA ILE A 153 -11.95 10.40 -2.67
C ILE A 153 -11.64 10.11 -1.21
N GLY A 154 -12.15 10.96 -0.31
CA GLY A 154 -11.96 10.75 1.12
C GLY A 154 -10.52 10.94 1.56
N ALA A 155 -9.84 11.93 0.99
CA ALA A 155 -8.45 12.23 1.32
C ALA A 155 -8.32 13.01 2.62
N PHE A 156 -7.15 12.93 3.24
CA PHE A 156 -6.89 13.61 4.50
C PHE A 156 -6.87 15.13 4.35
N GLY A 157 -6.60 15.61 3.13
CA GLY A 157 -6.56 17.04 2.87
C GLY A 157 -6.05 17.38 1.48
N TYR A 158 -6.47 18.53 0.98
CA TYR A 158 -6.04 18.99 -0.34
C TYR A 158 -4.97 20.07 -0.24
N MET A 159 -3.94 19.95 -1.05
CA MET A 159 -2.85 20.93 -1.08
C MET A 159 -2.37 21.14 -2.52
N GLU A 160 -1.98 22.36 -2.83
CA GLU A 160 -1.37 22.65 -4.13
C GLU A 160 -0.04 23.37 -3.95
N CYS A 161 0.89 23.11 -4.86
CA CYS A 161 2.23 23.64 -4.75
C CYS A 161 2.84 23.89 -6.14
N SER A 162 3.98 24.57 -6.17
CA SER A 162 4.73 24.74 -7.40
C SER A 162 6.18 24.37 -7.17
N ALA A 163 6.55 23.17 -7.59
CA ALA A 163 7.92 22.67 -7.39
C ALA A 163 8.95 23.57 -8.04
N LYS A 164 8.57 24.23 -9.14
CA LYS A 164 9.48 25.11 -9.87
C LYS A 164 9.80 26.37 -9.08
N THR A 165 8.82 26.89 -8.33
CA THR A 165 9.04 28.08 -7.51
C THR A 165 9.25 27.71 -6.05
N LYS A 166 9.14 26.42 -5.75
CA LYS A 166 9.31 25.89 -4.40
C LYS A 166 8.20 26.34 -3.45
N ASP A 167 7.17 26.99 -4.00
CA ASP A 167 6.07 27.50 -3.18
C ASP A 167 5.03 26.43 -2.89
N GLY A 168 4.75 26.21 -1.61
CA GLY A 168 3.73 25.27 -1.22
C GLY A 168 4.26 23.88 -0.90
N VAL A 169 5.47 23.59 -1.38
CA VAL A 169 6.10 22.28 -1.19
C VAL A 169 6.19 21.90 0.29
N ARG A 170 6.75 22.80 1.08
CA ARG A 170 6.89 22.61 2.51
C ARG A 170 5.56 22.26 3.17
N GLU A 171 4.55 23.09 2.91
CA GLU A 171 3.23 22.91 3.51
C GLU A 171 2.61 21.56 3.16
N VAL A 172 2.97 21.01 2.01
CA VAL A 172 2.51 19.70 1.60
C VAL A 172 3.10 18.60 2.47
N PHE A 173 4.42 18.52 2.49
CA PHE A 173 5.11 17.45 3.20
C PHE A 173 4.94 17.57 4.71
N GLU A 174 4.56 18.76 5.18
CA GLU A 174 4.21 18.92 6.59
C GLU A 174 2.86 18.27 6.86
N MET A 175 1.90 18.53 5.97
CA MET A 175 0.58 17.94 6.10
C MET A 175 0.65 16.43 5.91
N ALA A 176 1.52 16.00 4.99
CA ALA A 176 1.73 14.58 4.74
C ALA A 176 2.28 13.89 5.98
N THR A 177 3.25 14.55 6.63
CA THR A 177 3.85 14.01 7.84
C THR A 177 2.82 13.96 8.98
N ARG A 178 1.96 14.98 9.08
CA ARG A 178 0.92 15.01 10.11
C ARG A 178 -0.05 13.84 9.97
N ALA A 179 -0.46 13.56 8.74
CA ALA A 179 -1.36 12.45 8.47
C ALA A 179 -0.70 11.12 8.85
N ALA A 180 0.60 11.03 8.62
CA ALA A 180 1.34 9.81 8.92
C ALA A 180 1.47 9.57 10.42
N LEU A 181 1.47 10.66 11.18
CA LEU A 181 1.73 10.59 12.62
C LEU A 181 0.48 10.26 13.46
N GLN A 182 -0.59 9.79 12.81
CA GLN A 182 -1.79 9.40 13.54
C GLN A 182 -2.47 8.20 12.89
N ALA A 183 -3.31 7.52 13.67
CA ALA A 183 -4.01 6.33 13.20
C ALA A 183 -5.47 6.62 12.87
N LYS A 188 -12.82 3.35 17.02
CA LYS A 188 -13.74 2.42 17.68
C LYS A 188 -13.05 1.12 18.05
N LYS A 189 -13.46 0.03 17.40
CA LYS A 189 -12.88 -1.29 17.66
C LYS A 189 -12.89 -2.15 16.40
N SER A 190 -11.84 -2.96 16.23
CA SER A 190 -11.73 -3.82 15.05
C SER A 190 -11.31 -5.24 15.42
N GLY A 191 -11.62 -6.19 14.54
CA GLY A 191 -11.23 -7.57 14.74
C GLY A 191 -12.10 -8.59 14.00
N CYS A 192 -13.06 -9.16 14.73
CA CYS A 192 -13.86 -10.28 14.25
C CYS A 192 -15.02 -10.41 15.22
N LEU A 193 -15.92 -9.44 15.15
CA LEU A 193 -17.01 -9.35 16.11
C LEU A 193 -18.12 -10.35 15.76
N VAL B 34 -12.53 3.01 -6.95
CA VAL B 34 -13.35 1.82 -7.12
C VAL B 34 -14.22 1.89 -8.37
N ASN B 35 -14.31 0.78 -9.12
CA ASN B 35 -13.60 -0.46 -8.79
C ASN B 35 -12.20 -0.51 -9.42
N TYR B 36 -11.33 -1.33 -8.83
CA TYR B 36 -9.94 -1.46 -9.29
C TYR B 36 -9.77 -2.58 -10.32
N LYS B 37 -9.17 -2.26 -11.46
CA LYS B 37 -8.89 -3.28 -12.46
C LYS B 37 -7.47 -3.82 -12.27
N PRO B 38 -7.35 -5.16 -12.15
CA PRO B 38 -6.06 -5.84 -11.97
C PRO B 38 -5.07 -5.54 -13.09
N PRO B 39 -3.77 -5.57 -12.78
CA PRO B 39 -2.72 -5.25 -13.75
C PRO B 39 -2.66 -6.26 -14.89
N ALA B 40 -2.13 -5.83 -16.03
CA ALA B 40 -1.94 -6.74 -17.15
C ALA B 40 -0.81 -7.72 -16.83
N GLN B 41 -0.92 -8.93 -17.38
CA GLN B 41 0.09 -9.96 -17.18
C GLN B 41 1.45 -9.54 -17.73
N LYS B 42 2.48 -9.63 -16.88
CA LYS B 42 3.83 -9.30 -17.31
C LYS B 42 4.88 -10.02 -16.47
N SER B 43 5.68 -10.84 -17.13
CA SER B 43 6.81 -11.50 -16.49
C SER B 43 7.85 -10.46 -16.09
N ILE B 44 8.70 -10.81 -15.14
CA ILE B 44 9.76 -9.92 -14.68
C ILE B 44 10.75 -9.62 -15.80
N GLN B 45 11.03 -10.63 -16.61
CA GLN B 45 11.94 -10.45 -17.74
C GLN B 45 11.41 -9.39 -18.69
N GLU B 46 10.11 -9.41 -18.95
CA GLU B 46 9.48 -8.42 -19.80
C GLU B 46 9.65 -7.01 -19.23
N ILE B 47 9.60 -6.92 -17.91
CA ILE B 47 9.69 -5.66 -17.20
C ILE B 47 11.09 -5.06 -17.32
N GLN B 48 12.11 -5.90 -17.15
CA GLN B 48 13.49 -5.43 -17.22
C GLN B 48 13.87 -5.05 -18.65
N GLU B 49 13.20 -5.64 -19.62
CA GLU B 49 13.41 -5.31 -21.02
C GLU B 49 12.83 -3.94 -21.36
N LEU B 50 11.68 -3.63 -20.77
CA LEU B 50 11.03 -2.33 -20.96
C LEU B 50 11.90 -1.19 -20.46
N ASP B 51 12.10 -0.20 -21.32
CA ASP B 51 12.98 0.94 -21.01
C ASP B 51 14.33 0.43 -20.53
N LYS B 52 14.95 -0.42 -21.34
CA LYS B 52 16.17 -1.12 -20.95
C LYS B 52 17.29 -0.17 -20.56
N ASP B 53 17.40 0.96 -21.26
CA ASP B 53 18.46 1.91 -21.00
C ASP B 53 17.93 3.22 -20.41
N ASP B 54 17.27 3.10 -19.26
CA ASP B 54 16.84 4.25 -18.48
C ASP B 54 17.36 4.04 -17.07
N GLU B 55 18.53 4.58 -16.78
CA GLU B 55 19.25 4.29 -15.54
C GLU B 55 18.43 4.54 -14.28
N SER B 56 17.64 5.62 -14.28
CA SER B 56 16.78 5.92 -13.15
C SER B 56 15.70 4.85 -13.00
N LEU B 57 15.28 4.31 -14.13
CA LEU B 57 14.25 3.29 -14.17
C LEU B 57 14.85 1.89 -14.00
N ARG B 58 16.14 1.76 -14.30
CA ARG B 58 16.84 0.50 -14.11
C ARG B 58 17.15 0.29 -12.63
N LYS B 59 17.50 1.38 -11.95
CA LYS B 59 17.74 1.34 -10.52
C LYS B 59 16.44 1.08 -9.77
N TYR B 60 15.36 1.67 -10.28
CA TYR B 60 14.02 1.52 -9.72
C TYR B 60 13.59 0.06 -9.70
N LYS B 61 13.82 -0.64 -10.81
CA LYS B 61 13.50 -2.05 -10.90
C LYS B 61 14.41 -2.86 -10.00
N GLU B 62 15.70 -2.54 -10.05
CA GLU B 62 16.70 -3.18 -9.20
C GLU B 62 16.38 -2.98 -7.72
N ALA B 63 15.76 -1.85 -7.40
CA ALA B 63 15.38 -1.56 -6.02
C ALA B 63 14.27 -2.47 -5.54
N LEU B 64 13.26 -2.65 -6.38
CA LEU B 64 12.05 -3.38 -5.99
C LEU B 64 12.15 -4.90 -6.16
N LEU B 65 12.96 -5.35 -7.11
CA LEU B 65 12.91 -6.75 -7.53
C LEU B 65 13.92 -7.65 -6.83
N GLY B 66 15.21 -7.40 -7.04
CA GLY B 66 16.23 -8.22 -6.43
C GLY B 66 17.53 -7.49 -6.20
N ARG B 67 18.63 -8.16 -6.53
CA ARG B 67 19.97 -7.61 -6.38
C ARG B 67 20.15 -6.34 -7.21
N VAL B 70 17.03 -13.81 -9.02
CA VAL B 70 16.69 -14.91 -8.12
C VAL B 70 16.40 -16.21 -8.88
N SER B 71 17.07 -17.28 -8.49
CA SER B 71 16.84 -18.59 -9.09
C SER B 71 16.20 -19.55 -8.09
N ALA B 72 15.40 -20.49 -8.61
CA ALA B 72 14.77 -21.53 -7.80
C ALA B 72 14.21 -22.64 -8.68
N ASP B 73 13.88 -23.77 -8.06
CA ASP B 73 13.25 -24.90 -8.75
C ASP B 73 12.01 -24.42 -9.51
N PRO B 74 11.95 -24.70 -10.82
CA PRO B 74 10.75 -24.32 -11.59
C PRO B 74 9.53 -25.14 -11.23
N ASN B 75 9.72 -26.23 -10.50
CA ASN B 75 8.64 -27.14 -10.14
C ASN B 75 7.95 -26.76 -8.83
N VAL B 76 8.35 -25.63 -8.26
CA VAL B 76 7.72 -25.16 -7.02
C VAL B 76 6.73 -24.04 -7.30
N PRO B 77 5.68 -23.93 -6.49
CA PRO B 77 4.72 -22.83 -6.61
C PRO B 77 5.39 -21.48 -6.47
N ASN B 78 4.98 -20.51 -7.28
CA ASN B 78 5.56 -19.17 -7.23
C ASN B 78 5.41 -18.57 -5.83
N VAL B 79 4.28 -18.87 -5.19
CA VAL B 79 4.02 -18.41 -3.84
C VAL B 79 3.82 -19.59 -2.90
N VAL B 80 4.48 -19.54 -1.75
CA VAL B 80 4.30 -20.56 -0.73
C VAL B 80 4.12 -19.90 0.64
N VAL B 81 2.89 -19.86 1.11
CA VAL B 81 2.59 -19.40 2.45
C VAL B 81 3.03 -20.47 3.43
N THR B 82 3.91 -20.12 4.35
CA THR B 82 4.52 -21.10 5.24
C THR B 82 3.79 -21.22 6.58
N ARG B 83 3.64 -20.11 7.28
CA ARG B 83 3.02 -20.12 8.60
C ARG B 83 1.98 -19.03 8.78
N LEU B 84 1.12 -19.21 9.77
CA LEU B 84 0.21 -18.16 10.19
C LEU B 84 0.28 -18.01 11.71
N THR B 85 1.02 -17.00 12.16
CA THR B 85 1.33 -16.85 13.58
C THR B 85 0.43 -15.83 14.27
N LEU B 86 -0.05 -16.19 15.47
CA LEU B 86 -0.77 -15.25 16.33
C LEU B 86 0.22 -14.46 17.15
N VAL B 87 0.19 -13.14 17.00
CA VAL B 87 1.05 -12.27 17.79
C VAL B 87 0.25 -11.55 18.87
N CYS B 88 0.50 -11.89 20.13
CA CYS B 88 -0.22 -11.30 21.24
C CYS B 88 0.70 -11.08 22.45
N SER B 89 0.61 -9.90 23.04
CA SER B 89 1.37 -9.57 24.25
C SER B 89 0.93 -10.42 25.44
N THR B 90 -0.38 -10.62 25.57
CA THR B 90 -0.97 -11.33 26.70
C THR B 90 -0.78 -12.84 26.62
N ALA B 91 -0.60 -13.33 25.40
CA ALA B 91 -0.50 -14.77 25.17
C ALA B 91 0.70 -15.37 25.88
N PRO B 92 0.52 -16.56 26.47
CA PRO B 92 1.58 -17.29 27.18
C PRO B 92 2.76 -17.59 26.27
N GLY B 93 2.47 -17.76 24.98
CA GLY B 93 3.48 -18.02 23.97
C GLY B 93 2.88 -17.84 22.60
N PRO B 94 3.72 -17.56 21.59
CA PRO B 94 3.22 -17.39 20.22
C PRO B 94 2.53 -18.64 19.71
N LEU B 95 1.38 -18.47 19.07
CA LEU B 95 0.65 -19.60 18.50
C LEU B 95 0.79 -19.60 16.99
N GLU B 96 0.83 -20.79 16.40
CA GLU B 96 1.27 -20.93 15.02
C GLU B 96 0.40 -21.89 14.21
N LEU B 97 0.14 -21.50 12.97
CA LEU B 97 -0.52 -22.37 11.99
C LEU B 97 0.46 -22.77 10.89
N ASP B 98 1.03 -23.96 11.00
CA ASP B 98 1.93 -24.47 9.97
C ASP B 98 1.13 -24.86 8.74
N LEU B 99 1.37 -24.16 7.64
CA LEU B 99 0.63 -24.39 6.39
C LEU B 99 1.47 -25.17 5.39
N THR B 100 2.49 -25.85 5.89
CA THR B 100 3.40 -26.60 5.02
C THR B 100 3.11 -28.10 5.05
N GLY B 101 2.28 -28.52 6.00
CA GLY B 101 1.99 -29.94 6.16
C GLY B 101 0.63 -30.38 5.63
N ASP B 102 0.04 -31.36 6.29
CA ASP B 102 -1.28 -31.86 5.93
C ASP B 102 -2.34 -30.96 6.55
N LEU B 103 -2.98 -30.14 5.71
CA LEU B 103 -3.92 -29.15 6.18
C LEU B 103 -5.19 -29.77 6.78
N GLU B 104 -5.39 -31.06 6.57
CA GLU B 104 -6.58 -31.74 7.08
C GLU B 104 -6.59 -31.80 8.61
N SER B 105 -5.40 -31.80 9.20
CA SER B 105 -5.24 -31.98 10.65
C SER B 105 -5.95 -30.91 11.48
N PHE B 106 -6.23 -29.76 10.87
CA PHE B 106 -6.77 -28.63 11.63
C PHE B 106 -8.27 -28.76 11.88
N LYS B 107 -8.89 -29.77 11.28
CA LYS B 107 -10.27 -30.10 11.56
C LYS B 107 -10.33 -30.97 12.81
N LYS B 108 -9.23 -31.69 13.05
CA LYS B 108 -9.13 -32.66 14.13
C LYS B 108 -8.81 -31.98 15.46
N GLN B 109 -8.62 -30.66 15.43
CA GLN B 109 -8.19 -29.93 16.61
C GLN B 109 -8.77 -28.52 16.69
N SER B 110 -8.59 -27.89 17.84
CA SER B 110 -9.07 -26.53 18.05
C SER B 110 -7.94 -25.61 18.51
N PHE B 111 -8.18 -24.31 18.40
CA PHE B 111 -7.23 -23.30 18.86
C PHE B 111 -7.93 -22.35 19.83
N VAL B 112 -7.42 -22.26 21.05
CA VAL B 112 -8.05 -21.41 22.06
C VAL B 112 -7.53 -19.98 22.01
N LEU B 113 -8.44 -19.04 22.17
CA LEU B 113 -8.11 -17.62 22.17
C LEU B 113 -8.83 -16.92 23.33
N LYS B 114 -8.07 -16.37 24.26
CA LYS B 114 -8.66 -15.64 25.39
C LYS B 114 -9.45 -14.45 24.89
N GLU B 115 -10.69 -14.33 25.35
CA GLU B 115 -11.57 -13.26 24.92
C GLU B 115 -11.02 -11.90 25.33
N GLY B 116 -11.31 -10.89 24.52
CA GLY B 116 -10.99 -9.52 24.87
C GLY B 116 -9.52 -9.13 24.80
N VAL B 117 -8.68 -10.02 24.29
CA VAL B 117 -7.27 -9.69 24.09
C VAL B 117 -7.09 -9.03 22.75
N GLU B 118 -6.07 -8.19 22.62
CA GLU B 118 -5.78 -7.58 21.32
C GLU B 118 -4.52 -8.19 20.71
N TYR B 119 -4.57 -8.39 19.39
CA TYR B 119 -3.61 -9.22 18.70
C TYR B 119 -3.33 -8.72 17.28
N ARG B 120 -2.26 -9.22 16.69
CA ARG B 120 -2.04 -9.07 15.26
C ARG B 120 -1.87 -10.47 14.67
N ILE B 121 -1.89 -10.56 13.35
CA ILE B 121 -1.60 -11.83 12.69
C ILE B 121 -0.34 -11.67 11.85
N LYS B 122 0.62 -12.56 12.05
CA LYS B 122 1.85 -12.56 11.25
C LYS B 122 1.76 -13.59 10.15
N ILE B 123 1.76 -13.11 8.90
CA ILE B 123 1.72 -13.97 7.74
C ILE B 123 3.12 -14.16 7.17
N SER B 124 3.61 -15.40 7.18
CA SER B 124 4.93 -15.70 6.67
C SER B 124 4.84 -16.47 5.36
N PHE B 125 5.25 -15.85 4.27
CA PHE B 125 5.16 -16.47 2.96
C PHE B 125 6.46 -16.30 2.17
N ARG B 126 6.58 -17.04 1.09
CA ARG B 126 7.77 -16.99 0.24
C ARG B 126 7.39 -16.82 -1.23
N VAL B 127 8.13 -15.99 -1.95
CA VAL B 127 7.92 -15.80 -3.37
C VAL B 127 9.15 -16.28 -4.14
N ASN B 128 8.93 -17.02 -5.23
CA ASN B 128 10.01 -17.76 -5.88
C ASN B 128 10.43 -17.25 -7.27
N ARG B 129 9.47 -17.12 -8.19
CA ARG B 129 9.83 -16.81 -9.58
C ARG B 129 9.29 -15.48 -10.09
N GLU B 130 8.01 -15.21 -9.83
CA GLU B 130 7.37 -14.02 -10.41
C GLU B 130 6.67 -13.16 -9.37
N ILE B 131 6.24 -11.98 -9.81
CA ILE B 131 5.53 -11.03 -8.94
C ILE B 131 4.16 -11.54 -8.52
N VAL B 132 3.86 -11.43 -7.24
CA VAL B 132 2.50 -11.63 -6.76
C VAL B 132 1.80 -10.28 -6.80
N SER B 133 0.66 -10.19 -7.47
CA SER B 133 -0.05 -8.92 -7.55
C SER B 133 -1.17 -8.87 -6.53
N GLY B 134 -0.96 -8.09 -5.48
CA GLY B 134 -1.99 -7.85 -4.48
C GLY B 134 -2.54 -9.10 -3.82
N MET B 135 -1.65 -9.92 -3.26
CA MET B 135 -2.06 -11.09 -2.51
C MET B 135 -2.86 -10.65 -1.29
N LYS B 136 -3.96 -11.33 -1.02
CA LYS B 136 -4.78 -10.99 0.15
C LYS B 136 -5.30 -12.23 0.87
N TYR B 137 -5.69 -12.04 2.12
CA TYR B 137 -6.11 -13.15 2.98
C TYR B 137 -7.59 -13.07 3.31
N ILE B 138 -8.37 -13.98 2.75
CA ILE B 138 -9.81 -14.05 3.01
C ILE B 138 -10.10 -15.02 4.15
N GLN B 139 -10.92 -14.59 5.10
CA GLN B 139 -11.26 -15.42 6.24
C GLN B 139 -12.75 -15.37 6.56
N HIS B 140 -13.45 -16.46 6.27
CA HIS B 140 -14.86 -16.58 6.61
C HIS B 140 -15.01 -17.33 7.92
N THR B 141 -15.67 -16.72 8.89
CA THR B 141 -15.88 -17.34 10.19
C THR B 141 -17.32 -17.82 10.34
N TYR B 142 -17.50 -19.14 10.33
CA TYR B 142 -18.83 -19.72 10.45
C TYR B 142 -19.11 -20.23 11.86
N ARG B 143 -20.38 -20.38 12.18
CA ARG B 143 -20.80 -21.00 13.43
C ARG B 143 -22.02 -21.88 13.18
N LYS B 144 -21.79 -23.19 13.16
CA LYS B 144 -22.83 -24.17 12.84
C LYS B 144 -23.45 -23.88 11.47
N GLY B 145 -22.58 -23.69 10.48
CA GLY B 145 -23.01 -23.48 9.11
C GLY B 145 -23.59 -22.10 8.85
N VAL B 146 -23.35 -21.18 9.78
CA VAL B 146 -23.83 -19.82 9.64
C VAL B 146 -22.68 -18.83 9.58
N LYS B 147 -22.58 -18.10 8.48
CA LYS B 147 -21.54 -17.08 8.34
C LYS B 147 -21.80 -15.92 9.29
N ILE B 148 -20.91 -15.75 10.25
CA ILE B 148 -21.09 -14.71 11.28
C ILE B 148 -20.06 -13.60 11.16
N ASP B 149 -19.03 -13.81 10.35
CA ASP B 149 -18.00 -12.79 10.15
C ASP B 149 -17.21 -13.01 8.86
N LYS B 150 -16.82 -11.89 8.25
CA LYS B 150 -15.99 -11.91 7.05
C LYS B 150 -14.90 -10.86 7.14
N THR B 151 -13.66 -11.31 7.24
CA THR B 151 -12.50 -10.42 7.35
C THR B 151 -11.51 -10.70 6.23
N ASP B 152 -10.91 -9.65 5.69
CA ASP B 152 -9.86 -9.82 4.69
C ASP B 152 -8.77 -8.76 4.83
N TYR B 153 -7.52 -9.18 4.72
CA TYR B 153 -6.38 -8.28 4.80
C TYR B 153 -5.62 -8.24 3.49
N MET B 154 -5.28 -7.05 3.03
CA MET B 154 -4.44 -6.91 1.84
C MET B 154 -2.98 -7.10 2.23
N VAL B 155 -2.42 -8.26 1.88
CA VAL B 155 -1.02 -8.54 2.18
C VAL B 155 -0.13 -7.72 1.27
N GLY B 156 -0.52 -7.62 0.01
CA GLY B 156 0.16 -6.75 -0.93
C GLY B 156 0.88 -7.44 -2.07
N SER B 157 1.63 -6.65 -2.84
CA SER B 157 2.38 -7.16 -3.98
C SER B 157 3.85 -7.35 -3.63
N TYR B 158 4.39 -8.53 -3.95
CA TYR B 158 5.77 -8.87 -3.60
C TYR B 158 6.49 -9.59 -4.73
N GLY B 159 7.71 -9.15 -5.02
CA GLY B 159 8.56 -9.82 -6.00
C GLY B 159 9.28 -11.00 -5.37
N PRO B 160 9.93 -11.83 -6.20
CA PRO B 160 10.62 -13.02 -5.72
C PRO B 160 11.95 -12.69 -5.05
N ARG B 161 12.28 -13.44 -4.00
CA ARG B 161 13.54 -13.31 -3.30
C ARG B 161 13.80 -14.54 -2.44
N ALA B 162 15.04 -14.69 -2.00
CA ALA B 162 15.42 -15.86 -1.20
C ALA B 162 14.86 -15.77 0.21
N GLU B 163 15.10 -14.63 0.86
CA GLU B 163 14.63 -14.41 2.23
C GLU B 163 13.11 -14.45 2.30
N GLU B 164 12.60 -15.11 3.35
CA GLU B 164 11.17 -15.23 3.57
C GLU B 164 10.53 -13.87 3.83
N TYR B 165 9.30 -13.70 3.35
CA TYR B 165 8.56 -12.46 3.57
C TYR B 165 7.77 -12.51 4.88
N GLU B 166 7.20 -11.36 5.24
CA GLU B 166 6.50 -11.24 6.51
C GLU B 166 5.52 -10.07 6.46
N PHE B 167 4.28 -10.33 6.86
CA PHE B 167 3.25 -9.29 6.86
C PHE B 167 2.48 -9.30 8.17
N LEU B 168 2.44 -8.15 8.84
CA LEU B 168 1.69 -8.01 10.09
C LEU B 168 0.41 -7.23 9.90
N THR B 169 -0.71 -7.83 10.31
CA THR B 169 -1.98 -7.12 10.35
C THR B 169 -1.92 -6.04 11.42
N PRO B 170 -2.69 -4.96 11.25
CA PRO B 170 -2.75 -3.97 12.33
C PRO B 170 -3.41 -4.56 13.57
N MET B 171 -3.20 -3.93 14.72
CA MET B 171 -3.70 -4.45 15.99
C MET B 171 -5.22 -4.55 16.01
N GLU B 172 -5.72 -5.74 16.35
CA GLU B 172 -7.16 -5.98 16.48
C GLU B 172 -7.45 -6.76 17.75
N GLU B 173 -8.69 -6.73 18.21
CA GLU B 173 -9.04 -7.37 19.49
C GLU B 173 -10.15 -8.41 19.37
N ALA B 174 -9.95 -9.54 20.03
CA ALA B 174 -10.93 -10.61 20.07
C ALA B 174 -12.16 -10.18 20.86
N PRO B 175 -13.35 -10.71 20.51
CA PRO B 175 -14.58 -10.33 21.21
C PRO B 175 -14.69 -10.95 22.59
N LYS B 176 -15.74 -10.59 23.34
CA LYS B 176 -16.00 -11.17 24.65
C LYS B 176 -17.47 -11.09 25.03
N GLY B 177 -17.84 -11.82 26.06
CA GLY B 177 -19.25 -11.98 26.44
C GLY B 177 -19.62 -13.44 26.34
N MET B 178 -20.83 -13.80 26.77
CA MET B 178 -21.26 -15.20 26.70
C MET B 178 -21.57 -15.60 25.26
N LEU B 179 -22.01 -14.64 24.45
CA LEU B 179 -22.26 -14.89 23.03
C LEU B 179 -20.95 -15.10 22.28
N ALA B 180 -20.04 -14.15 22.45
CA ALA B 180 -18.75 -14.17 21.77
C ALA B 180 -17.95 -15.42 22.13
N ARG B 181 -18.03 -15.82 23.39
CA ARG B 181 -17.38 -17.05 23.84
C ARG B 181 -18.05 -18.25 23.19
N GLY B 182 -17.25 -19.22 22.79
CA GLY B 182 -17.76 -20.42 22.18
C GLY B 182 -16.82 -20.98 21.13
N SER B 183 -17.32 -21.92 20.35
CA SER B 183 -16.53 -22.55 19.30
C SER B 183 -16.95 -22.06 17.93
N TYR B 184 -15.96 -21.80 17.07
CA TYR B 184 -16.21 -21.27 15.73
C TYR B 184 -15.53 -22.13 14.67
N ASN B 185 -16.07 -22.10 13.46
CA ASN B 185 -15.51 -22.85 12.35
C ASN B 185 -15.05 -21.92 11.22
N ILE B 186 -13.76 -21.96 10.92
CA ILE B 186 -13.14 -20.97 10.05
C ILE B 186 -12.67 -21.51 8.72
N SER B 188 -10.32 -20.38 5.79
CA SER B 188 -9.27 -19.43 5.40
C SER B 188 -8.82 -19.65 3.96
N ARG B 189 -8.38 -18.58 3.31
CA ARG B 189 -8.00 -18.65 1.91
C ARG B 189 -7.01 -17.55 1.54
N PHE B 190 -6.01 -17.90 0.75
CA PHE B 190 -5.05 -16.94 0.21
C PHE B 190 -5.23 -16.78 -1.30
N THR B 191 -5.50 -15.55 -1.74
CA THR B 191 -5.64 -15.29 -3.16
C THR B 191 -4.85 -14.06 -3.59
N ASP B 192 -4.93 -13.72 -4.88
CA ASP B 192 -4.28 -12.54 -5.41
C ASP B 192 -5.15 -11.93 -6.52
N ASP B 193 -4.63 -10.90 -7.18
CA ASP B 193 -5.40 -10.17 -8.19
C ASP B 193 -5.66 -10.99 -9.46
N ASP B 194 -5.04 -12.15 -9.55
CA ASP B 194 -5.20 -13.03 -10.71
C ASP B 194 -6.14 -14.20 -10.42
N ARG B 195 -6.89 -14.07 -9.32
CA ARG B 195 -7.88 -15.07 -8.90
C ARG B 195 -7.29 -16.46 -8.72
N THR B 196 -6.05 -16.53 -8.25
CA THR B 196 -5.42 -17.81 -7.91
C THR B 196 -5.74 -18.16 -6.46
N ASP B 197 -5.88 -19.44 -6.16
CA ASP B 197 -6.03 -19.85 -4.78
C ASP B 197 -4.76 -20.55 -4.32
N HIS B 198 -3.82 -19.76 -3.80
CA HIS B 198 -2.51 -20.25 -3.38
C HIS B 198 -2.66 -21.22 -2.23
N LEU B 199 -3.64 -20.99 -1.38
CA LEU B 199 -3.94 -21.93 -0.31
C LEU B 199 -5.36 -21.78 0.20
N SER B 200 -6.02 -22.92 0.41
CA SER B 200 -7.35 -22.97 1.02
C SER B 200 -7.39 -24.07 2.05
N TRP B 201 -7.87 -23.74 3.24
CA TRP B 201 -7.97 -24.72 4.31
C TRP B 201 -8.96 -24.26 5.37
N GLU B 202 -9.52 -25.21 6.11
CA GLU B 202 -10.42 -24.85 7.20
C GLU B 202 -9.86 -25.33 8.53
N TRP B 203 -10.21 -24.62 9.59
CA TRP B 203 -9.72 -24.92 10.92
C TRP B 203 -10.72 -24.44 11.97
N ASN B 204 -10.37 -24.64 13.24
CA ASN B 204 -11.31 -24.38 14.32
C ASN B 204 -10.76 -23.44 15.38
N LEU B 205 -11.62 -22.54 15.83
CA LEU B 205 -11.26 -21.55 16.85
C LEU B 205 -12.24 -21.59 18.02
N THR B 206 -11.70 -21.68 19.24
CA THR B 206 -12.53 -21.67 20.43
C THR B 206 -12.17 -20.49 21.33
N ILE B 207 -13.16 -19.69 21.71
CA ILE B 207 -12.91 -18.53 22.56
C ILE B 207 -13.35 -18.80 24.00
N LYS B 208 -12.37 -18.90 24.90
CA LYS B 208 -12.62 -19.21 26.30
C LYS B 208 -12.47 -17.96 27.18
N LYS B 209 -12.65 -18.14 28.49
CA LYS B 209 -12.47 -17.05 29.44
C LYS B 209 -10.99 -16.80 29.70
N GLU B 210 -10.20 -17.88 29.62
CA GLU B 210 -8.75 -17.80 29.81
C GLU B 210 -8.04 -18.52 28.67
N TRP B 211 -6.72 -18.39 28.60
CA TRP B 211 -5.92 -19.08 27.59
C TRP B 211 -5.88 -20.59 27.86
N LYS B 212 -5.14 -21.31 27.03
CA LYS B 212 -4.94 -22.74 27.23
C LYS B 212 -4.27 -23.02 28.57
N ASP B 213 -3.15 -22.34 28.81
CA ASP B 213 -2.42 -22.46 30.07
C ASP B 213 -1.42 -21.31 30.22
#